data_8QKA
#
_entry.id   8QKA
#
_cell.length_a   60.013
_cell.length_b   60.013
_cell.length_c   284.658
_cell.angle_alpha   90.00
_cell.angle_beta   90.00
_cell.angle_gamma   120.00
#
_symmetry.space_group_name_H-M   'P 61 2 2'
#
loop_
_entity.id
_entity.type
_entity.pdbx_description
1 polymer 'UDP-2,3-diacylglucosamine hydrolase'
2 non-polymer 'MANGANESE (II) ION'
3 non-polymer 2-[methyl(methylsulfonyl)amino]-~{N}-(4-piperidin-1-ylsulfonylphenyl)benzamide
4 water water
#
_entity_poly.entity_id   1
_entity_poly.type   'polypeptide(L)'
_entity_poly.pdbx_seq_one_letter_code
;MATLFIADLHLQTEEPEITAGFLRFLQGEARQADALYILGDLFEAWIGDDDPNPLHQQIASAIKAVVDAGVPCYFIHGNR
DFLVGQRFARQSGMILLAEEERLDLYGREVLIMHGDTLCTDDQGYLAFRAKVHTPWIQRLFLALPLFIRHRIAARMRADS
KAANSSKSMEIMDVNPQAVVDAMERHHVQWLIHGHTHRPAVHELQANGQPAWRVVLGAWHSEGSMVKVTPDDVELIHFPF
HHHHHH
;
_entity_poly.pdbx_strand_id   A
#
# COMPACT_ATOMS: atom_id res chain seq x y z
N ALA A 2 6.50 14.94 10.18
CA ALA A 2 5.84 13.62 10.30
C ALA A 2 6.04 12.81 9.02
N THR A 3 6.07 11.50 9.20
CA THR A 3 6.08 10.55 8.09
C THR A 3 4.72 9.86 8.05
N LEU A 4 4.12 9.81 6.85
CA LEU A 4 2.75 9.32 6.65
C LEU A 4 2.78 7.99 5.89
N PHE A 5 1.87 7.12 6.31
CA PHE A 5 1.60 5.84 5.68
C PHE A 5 0.12 5.75 5.36
N ILE A 6 -0.23 5.31 4.13
CA ILE A 6 -1.59 5.08 3.72
C ILE A 6 -1.59 3.74 2.96
N ALA A 7 -2.77 3.17 2.73
CA ALA A 7 -2.91 1.90 2.04
C ALA A 7 -4.39 1.68 1.71
N ASP A 8 -4.61 0.78 0.73
CA ASP A 8 -5.94 0.24 0.50
C ASP A 8 -6.92 1.35 0.09
N LEU A 9 -6.47 2.20 -0.83
CA LEU A 9 -7.31 3.18 -1.48
C LEU A 9 -8.25 2.55 -2.53
N HIS A 10 -7.81 1.46 -3.15
CA HIS A 10 -8.56 0.74 -4.17
C HIS A 10 -9.19 1.71 -5.15
N LEU A 11 -8.38 2.63 -5.69
CA LEU A 11 -8.86 3.69 -6.55
C LEU A 11 -9.37 3.06 -7.87
N GLN A 12 -10.47 3.63 -8.37
CA GLN A 12 -11.09 3.15 -9.59
C GLN A 12 -12.03 4.20 -10.15
N THR A 13 -12.34 4.03 -11.45
CA THR A 13 -13.16 4.94 -12.23
C THR A 13 -14.55 5.07 -11.64
N GLU A 14 -15.07 3.98 -11.05
CA GLU A 14 -16.42 3.91 -10.53
C GLU A 14 -16.57 4.59 -9.16
N GLU A 15 -15.48 5.04 -8.52
CA GLU A 15 -15.57 5.67 -7.21
C GLU A 15 -14.81 6.99 -7.20
N PRO A 16 -15.31 8.00 -7.95
CA PRO A 16 -14.64 9.31 -8.06
C PRO A 16 -14.52 10.07 -6.74
N GLU A 17 -15.44 9.77 -5.82
CA GLU A 17 -15.49 10.37 -4.50
C GLU A 17 -14.22 10.00 -3.73
N ILE A 18 -13.78 8.72 -3.79
CA ILE A 18 -12.59 8.31 -3.09
C ILE A 18 -11.38 8.98 -3.71
N THR A 19 -11.34 9.02 -5.06
CA THR A 19 -10.29 9.75 -5.78
C THR A 19 -10.23 11.22 -5.35
N ALA A 20 -11.35 11.94 -5.24
CA ALA A 20 -11.28 13.34 -4.81
C ALA A 20 -10.75 13.48 -3.36
N GLY A 21 -11.09 12.53 -2.49
CA GLY A 21 -10.61 12.53 -1.12
C GLY A 21 -9.10 12.26 -1.05
N PHE A 22 -8.64 11.34 -1.91
CA PHE A 22 -7.22 11.18 -2.07
C PHE A 22 -6.55 12.46 -2.61
N LEU A 23 -7.10 13.09 -3.63
CA LEU A 23 -6.43 14.29 -4.16
C LEU A 23 -6.42 15.43 -3.12
N ARG A 24 -7.49 15.57 -2.30
CA ARG A 24 -7.50 16.53 -1.18
C ARG A 24 -6.34 16.27 -0.23
N PHE A 25 -6.21 15.02 0.18
CA PHE A 25 -5.12 14.58 1.03
C PHE A 25 -3.76 14.92 0.45
N LEU A 26 -3.58 14.67 -0.86
CA LEU A 26 -2.28 14.89 -1.49
C LEU A 26 -1.95 16.38 -1.49
N GLN A 27 -2.96 17.23 -1.66
CA GLN A 27 -2.75 18.66 -1.83
C GLN A 27 -2.67 19.42 -0.50
N GLY A 28 -3.08 18.78 0.60
CA GLY A 28 -2.98 19.40 1.90
C GLY A 28 -1.98 18.65 2.77
N GLU A 29 -2.51 17.65 3.49
CA GLU A 29 -1.80 16.87 4.48
C GLU A 29 -0.42 16.42 4.00
N ALA A 30 -0.37 15.82 2.79
CA ALA A 30 0.87 15.23 2.29
C ALA A 30 1.97 16.29 2.14
N ARG A 31 1.63 17.51 1.76
CA ARG A 31 2.63 18.55 1.52
C ARG A 31 3.42 18.94 2.76
N GLN A 32 2.90 18.66 3.96
CA GLN A 32 3.54 19.08 5.20
C GLN A 32 4.43 17.96 5.70
N ALA A 33 4.38 16.76 5.08
CA ALA A 33 5.06 15.58 5.58
C ALA A 33 6.53 15.58 5.21
N ASP A 34 7.30 14.74 5.89
CA ASP A 34 8.70 14.49 5.57
C ASP A 34 8.78 13.50 4.40
N ALA A 35 7.85 12.53 4.37
CA ALA A 35 7.79 11.44 3.40
C ALA A 35 6.38 10.81 3.44
N LEU A 36 5.89 10.31 2.28
CA LEU A 36 4.65 9.54 2.20
C LEU A 36 4.91 8.13 1.67
N TYR A 37 4.46 7.12 2.41
CA TYR A 37 4.55 5.72 2.05
C TYR A 37 3.16 5.16 1.76
N ILE A 38 3.02 4.52 0.60
CA ILE A 38 1.79 3.90 0.16
C ILE A 38 2.03 2.40 0.14
N LEU A 39 1.37 1.72 1.10
CA LEU A 39 1.62 0.32 1.39
C LEU A 39 0.63 -0.59 0.64
N GLY A 40 0.44 -0.31 -0.66
CA GLY A 40 -0.19 -1.30 -1.53
C GLY A 40 -1.70 -1.04 -1.65
N ASP A 41 -2.29 -1.63 -2.70
CA ASP A 41 -3.70 -1.48 -3.05
C ASP A 41 -4.01 0.01 -3.18
N LEU A 42 -3.09 0.76 -3.79
CA LEU A 42 -3.40 2.07 -4.32
C LEU A 42 -4.50 2.00 -5.38
N PHE A 43 -4.44 0.98 -6.27
CA PHE A 43 -5.45 0.75 -7.31
C PHE A 43 -6.24 -0.53 -7.05
N GLU A 44 -7.48 -0.52 -7.48
CA GLU A 44 -8.37 -1.67 -7.38
C GLU A 44 -7.88 -2.81 -8.26
N ALA A 45 -7.18 -2.43 -9.33
CA ALA A 45 -6.65 -3.39 -10.29
C ALA A 45 -5.51 -2.75 -11.07
N TRP A 46 -4.65 -3.60 -11.63
CA TRP A 46 -3.63 -3.10 -12.52
C TRP A 46 -3.24 -4.23 -13.48
N ILE A 47 -3.29 -3.94 -14.79
CA ILE A 47 -2.97 -4.92 -15.83
C ILE A 47 -1.76 -4.47 -16.62
N GLY A 48 -1.05 -3.42 -16.14
CA GLY A 48 0.20 -2.96 -16.73
C GLY A 48 0.22 -1.44 -16.94
N ASP A 49 1.44 -0.90 -17.02
CA ASP A 49 1.65 0.54 -16.98
C ASP A 49 1.27 1.17 -18.31
N ASP A 50 0.90 0.35 -19.30
CA ASP A 50 0.56 0.82 -20.65
C ASP A 50 -0.95 1.02 -20.76
N ASP A 51 -1.71 0.63 -19.73
CA ASP A 51 -3.14 0.88 -19.67
C ASP A 51 -3.32 2.38 -19.82
N PRO A 52 -4.19 2.89 -20.73
CA PRO A 52 -4.31 4.33 -20.90
C PRO A 52 -5.43 4.94 -20.04
N ASN A 53 -6.06 4.13 -19.16
CA ASN A 53 -7.04 4.57 -18.16
C ASN A 53 -6.63 5.97 -17.66
N PRO A 54 -7.46 7.03 -17.91
CA PRO A 54 -7.06 8.39 -17.53
C PRO A 54 -6.90 8.56 -16.01
N LEU A 55 -7.62 7.76 -15.21
CA LEU A 55 -7.44 7.81 -13.76
C LEU A 55 -5.97 7.60 -13.41
N HIS A 56 -5.23 6.77 -14.20
CA HIS A 56 -3.89 6.40 -13.82
C HIS A 56 -2.99 7.61 -13.93
N GLN A 57 -3.24 8.45 -14.95
CA GLN A 57 -2.40 9.62 -15.16
C GLN A 57 -2.75 10.74 -14.20
N GLN A 58 -4.04 10.87 -13.85
CA GLN A 58 -4.52 11.86 -12.90
C GLN A 58 -3.85 11.59 -11.55
N ILE A 59 -3.79 10.33 -11.14
CA ILE A 59 -3.10 9.95 -9.91
C ILE A 59 -1.60 10.18 -10.02
N ALA A 60 -0.97 9.79 -11.13
CA ALA A 60 0.48 9.90 -11.18
C ALA A 60 0.87 11.37 -11.08
N SER A 61 0.11 12.25 -11.75
CA SER A 61 0.36 13.68 -11.73
C SER A 61 0.17 14.26 -10.32
N ALA A 62 -0.89 13.85 -9.60
CA ALA A 62 -1.09 14.37 -8.26
C ALA A 62 0.06 13.94 -7.34
N ILE A 63 0.56 12.69 -7.45
CA ILE A 63 1.65 12.22 -6.62
C ILE A 63 2.95 12.93 -6.98
N LYS A 64 3.16 13.16 -8.28
CA LYS A 64 4.37 13.77 -8.81
C LYS A 64 4.48 15.21 -8.27
N ALA A 65 3.36 15.94 -8.19
CA ALA A 65 3.33 17.29 -7.62
C ALA A 65 3.83 17.29 -6.18
N VAL A 66 3.43 16.25 -5.40
CA VAL A 66 3.87 16.07 -4.04
C VAL A 66 5.37 15.82 -4.00
N VAL A 67 5.84 14.89 -4.85
CA VAL A 67 7.26 14.59 -4.96
C VAL A 67 8.04 15.87 -5.34
N ASP A 68 7.47 16.67 -6.24
CA ASP A 68 8.16 17.85 -6.76
C ASP A 68 8.15 18.99 -5.74
N ALA A 69 7.33 18.89 -4.70
CA ALA A 69 7.30 19.86 -3.61
C ALA A 69 8.33 19.51 -2.55
N GLY A 70 9.09 18.43 -2.70
CA GLY A 70 10.13 18.09 -1.74
C GLY A 70 9.71 16.98 -0.78
N VAL A 71 8.56 16.33 -1.04
CA VAL A 71 8.08 15.21 -0.23
C VAL A 71 8.24 13.91 -1.00
N PRO A 72 9.25 13.06 -0.67
CA PRO A 72 9.42 11.76 -1.29
C PRO A 72 8.25 10.80 -1.05
N CYS A 73 7.80 10.14 -2.13
CA CYS A 73 6.77 9.12 -2.02
C CYS A 73 7.33 7.77 -2.41
N TYR A 74 6.82 6.75 -1.74
CA TYR A 74 7.32 5.39 -1.84
C TYR A 74 6.11 4.48 -1.97
N PHE A 75 6.33 3.35 -2.60
CA PHE A 75 5.28 2.40 -2.88
C PHE A 75 5.73 0.97 -2.64
N ILE A 76 4.91 0.24 -1.87
CA ILE A 76 4.97 -1.20 -1.74
C ILE A 76 3.72 -1.75 -2.40
N HIS A 77 3.90 -2.82 -3.20
CA HIS A 77 2.80 -3.39 -3.96
C HIS A 77 1.79 -4.06 -3.01
N GLY A 78 0.51 -3.99 -3.38
CA GLY A 78 -0.50 -4.84 -2.79
C GLY A 78 -0.81 -6.07 -3.64
N ASN A 79 -1.89 -6.77 -3.27
CA ASN A 79 -2.31 -7.95 -4.00
C ASN A 79 -3.07 -7.49 -5.23
N ARG A 80 -3.66 -6.27 -5.18
CA ARG A 80 -4.44 -5.76 -6.29
C ARG A 80 -3.54 -5.18 -7.39
N ASP A 81 -2.40 -4.61 -7.01
CA ASP A 81 -1.67 -3.75 -7.94
C ASP A 81 -0.20 -4.18 -8.02
N PHE A 82 0.06 -5.47 -7.92
CA PHE A 82 1.42 -6.00 -7.96
C PHE A 82 2.12 -5.76 -9.32
N LEU A 83 1.40 -5.36 -10.39
CA LEU A 83 1.99 -5.18 -11.73
C LEU A 83 2.41 -3.73 -11.93
N VAL A 84 2.13 -2.84 -10.97
CA VAL A 84 2.66 -1.47 -11.06
C VAL A 84 4.17 -1.54 -11.28
N GLY A 85 4.65 -0.82 -12.28
CA GLY A 85 6.00 -1.02 -12.78
C GLY A 85 6.78 0.28 -12.87
N GLN A 86 7.96 0.22 -13.50
CA GLN A 86 8.93 1.30 -13.44
C GLN A 86 8.49 2.50 -14.27
N ARG A 87 7.61 2.30 -15.24
CA ARG A 87 7.05 3.39 -16.03
C ARG A 87 6.02 4.21 -15.23
N PHE A 88 5.12 3.53 -14.51
CA PHE A 88 4.33 4.23 -13.52
C PHE A 88 5.19 4.95 -12.46
N ALA A 89 6.22 4.30 -11.89
CA ALA A 89 7.14 4.96 -10.95
C ALA A 89 7.65 6.26 -11.54
N ARG A 90 8.16 6.15 -12.76
CA ARG A 90 8.65 7.34 -13.42
C ARG A 90 7.56 8.40 -13.58
N GLN A 91 6.36 8.07 -14.05
CA GLN A 91 5.32 9.09 -14.26
C GLN A 91 4.91 9.74 -12.92
N SER A 92 5.00 8.97 -11.82
CA SER A 92 4.49 9.40 -10.52
C SER A 92 5.58 10.03 -9.63
N GLY A 93 6.86 9.78 -9.95
CA GLY A 93 7.94 10.20 -9.07
C GLY A 93 8.13 9.28 -7.88
N MET A 94 7.30 8.24 -7.79
CA MET A 94 7.31 7.32 -6.66
C MET A 94 8.44 6.30 -6.82
N ILE A 95 9.05 5.96 -5.70
CA ILE A 95 10.07 4.93 -5.61
C ILE A 95 9.44 3.61 -5.19
N LEU A 96 9.64 2.58 -6.02
CA LEU A 96 9.16 1.23 -5.74
C LEU A 96 10.06 0.59 -4.69
N LEU A 97 9.44 0.00 -3.65
CA LEU A 97 10.15 -0.66 -2.57
C LEU A 97 9.82 -2.13 -2.61
N ALA A 98 10.53 -2.91 -1.79
CA ALA A 98 10.33 -4.35 -1.66
C ALA A 98 9.11 -4.69 -0.81
N GLU A 99 8.71 -5.96 -0.81
CA GLU A 99 7.50 -6.38 -0.12
C GLU A 99 7.62 -6.18 1.39
N GLU A 100 8.85 -6.12 1.92
CA GLU A 100 9.11 -5.81 3.33
C GLU A 100 10.23 -4.78 3.34
N GLU A 101 10.03 -3.66 4.04
CA GLU A 101 11.11 -2.71 4.28
C GLU A 101 11.20 -2.39 5.78
N ARG A 102 12.44 -2.28 6.27
CA ARG A 102 12.72 -1.95 7.66
C ARG A 102 13.21 -0.52 7.68
N LEU A 103 12.40 0.43 8.20
CA LEU A 103 12.76 1.84 8.09
C LEU A 103 13.33 2.36 9.40
N ASP A 104 13.91 3.56 9.34
CA ASP A 104 14.41 4.26 10.50
C ASP A 104 13.72 5.61 10.57
N LEU A 105 12.73 5.74 11.46
CA LEU A 105 11.92 6.95 11.51
C LEU A 105 12.27 7.68 12.80
N TYR A 106 13.08 8.73 12.64
CA TYR A 106 13.58 9.54 13.73
C TYR A 106 14.14 8.64 14.85
N GLY A 107 14.91 7.61 14.49
CA GLY A 107 15.54 6.76 15.49
C GLY A 107 14.76 5.47 15.78
N ARG A 108 13.47 5.42 15.42
CA ARG A 108 12.64 4.26 15.69
C ARG A 108 12.63 3.32 14.49
N GLU A 109 12.83 2.03 14.74
CA GLU A 109 12.85 1.02 13.68
C GLU A 109 11.46 0.40 13.51
N VAL A 110 10.96 0.45 12.27
CA VAL A 110 9.60 0.09 11.92
C VAL A 110 9.61 -0.80 10.66
N LEU A 111 8.90 -1.94 10.69
CA LEU A 111 8.66 -2.78 9.52
C LEU A 111 7.37 -2.36 8.78
N ILE A 112 7.49 -2.14 7.47
CA ILE A 112 6.35 -1.86 6.61
C ILE A 112 6.19 -2.96 5.56
N MET A 113 4.92 -3.26 5.28
CA MET A 113 4.58 -4.26 4.28
C MET A 113 3.12 -4.05 3.95
N HIS A 114 2.64 -4.66 2.86
CA HIS A 114 1.23 -4.57 2.55
C HIS A 114 0.40 -5.35 3.57
N GLY A 115 0.83 -6.58 3.83
CA GLY A 115 0.26 -7.37 4.92
C GLY A 115 -0.37 -8.66 4.44
N ASP A 116 -0.53 -8.83 3.13
CA ASP A 116 -1.08 -10.07 2.58
C ASP A 116 -0.19 -11.28 2.88
N THR A 117 1.12 -11.08 3.05
CA THR A 117 2.03 -12.18 3.29
C THR A 117 1.84 -12.75 4.70
N LEU A 118 1.15 -11.99 5.57
CA LEU A 118 0.92 -12.41 6.95
C LEU A 118 -0.31 -13.31 7.01
N CYS A 119 -1.06 -13.36 5.90
CA CYS A 119 -2.34 -14.05 5.89
C CYS A 119 -2.15 -15.52 5.49
N THR A 120 -1.40 -16.28 6.33
CA THR A 120 -0.93 -17.61 5.96
C THR A 120 -2.01 -18.69 6.12
N ASP A 121 -3.17 -18.34 6.64
CA ASP A 121 -4.27 -19.30 6.75
C ASP A 121 -5.08 -19.33 5.46
N ASP A 122 -4.72 -18.50 4.48
CA ASP A 122 -5.42 -18.55 3.20
C ASP A 122 -4.45 -19.09 2.15
N GLN A 123 -4.48 -20.42 1.96
CA GLN A 123 -3.53 -21.04 1.05
C GLN A 123 -3.97 -20.84 -0.39
N GLY A 124 -5.29 -20.83 -0.58
CA GLY A 124 -5.95 -20.30 -1.78
C GLY A 124 -5.29 -19.01 -2.28
N TYR A 125 -5.18 -17.99 -1.41
CA TYR A 125 -4.53 -16.75 -1.79
C TYR A 125 -3.04 -16.95 -1.99
N LEU A 126 -2.36 -17.65 -1.07
CA LEU A 126 -0.91 -17.75 -1.11
C LEU A 126 -0.43 -18.47 -2.38
N ALA A 127 -1.16 -19.52 -2.77
CA ALA A 127 -0.96 -20.18 -4.06
C ALA A 127 -1.06 -19.16 -5.19
N PHE A 128 -2.15 -18.38 -5.22
CA PHE A 128 -2.35 -17.34 -6.22
C PHE A 128 -1.15 -16.39 -6.24
N ARG A 129 -0.79 -15.87 -5.07
CA ARG A 129 0.29 -14.91 -4.98
C ARG A 129 1.61 -15.49 -5.52
N ALA A 130 1.98 -16.71 -5.12
CA ALA A 130 3.22 -17.33 -5.58
C ALA A 130 3.26 -17.36 -7.12
N LYS A 131 2.14 -17.76 -7.76
CA LYS A 131 2.03 -17.75 -9.21
C LYS A 131 2.25 -16.35 -9.79
N VAL A 132 1.46 -15.36 -9.35
CA VAL A 132 1.45 -14.04 -9.99
C VAL A 132 2.70 -13.25 -9.65
N HIS A 133 3.51 -13.76 -8.71
CA HIS A 133 4.83 -13.21 -8.45
C HIS A 133 5.93 -13.89 -9.30
N THR A 134 5.61 -14.95 -10.07
CA THR A 134 6.60 -15.62 -10.91
C THR A 134 6.93 -14.71 -12.09
N PRO A 135 8.16 -14.19 -12.30
CA PRO A 135 8.39 -13.22 -13.38
C PRO A 135 7.94 -13.67 -14.77
N TRP A 136 8.11 -14.95 -15.13
CA TRP A 136 7.77 -15.38 -16.48
C TRP A 136 6.25 -15.36 -16.66
N ILE A 137 5.50 -15.64 -15.58
CA ILE A 137 4.05 -15.54 -15.61
C ILE A 137 3.62 -14.08 -15.78
N GLN A 138 4.25 -13.16 -15.03
CA GLN A 138 3.93 -11.75 -15.19
C GLN A 138 4.16 -11.31 -16.64
N ARG A 139 5.28 -11.72 -17.24
CA ARG A 139 5.79 -11.07 -18.45
C ARG A 139 5.03 -11.61 -19.65
N LEU A 140 4.63 -12.86 -19.50
CA LEU A 140 3.60 -13.46 -20.31
C LEU A 140 2.34 -12.61 -20.37
N PHE A 141 1.74 -12.37 -19.19
CA PHE A 141 0.53 -11.59 -19.11
C PHE A 141 0.75 -10.24 -19.79
N LEU A 142 1.90 -9.63 -19.50
CA LEU A 142 2.16 -8.24 -19.88
C LEU A 142 2.49 -8.15 -21.37
N ALA A 143 2.90 -9.28 -21.98
CA ALA A 143 3.14 -9.40 -23.42
C ALA A 143 1.84 -9.46 -24.21
N LEU A 144 0.73 -9.93 -23.61
CA LEU A 144 -0.57 -9.92 -24.27
C LEU A 144 -0.96 -8.49 -24.70
N PRO A 145 -1.74 -8.38 -25.80
CA PRO A 145 -2.41 -7.13 -26.15
C PRO A 145 -3.32 -6.65 -25.02
N LEU A 146 -3.39 -5.32 -24.86
CA LEU A 146 -4.15 -4.69 -23.80
C LEU A 146 -5.56 -5.28 -23.74
N PHE A 147 -6.20 -5.41 -24.91
CA PHE A 147 -7.62 -5.74 -24.95
C PHE A 147 -7.86 -7.14 -24.39
N ILE A 148 -6.88 -8.04 -24.55
CA ILE A 148 -6.92 -9.40 -24.02
C ILE A 148 -6.69 -9.40 -22.49
N ARG A 149 -5.73 -8.60 -22.00
CA ARG A 149 -5.54 -8.41 -20.57
C ARG A 149 -6.83 -7.89 -19.90
N HIS A 150 -7.47 -6.87 -20.49
CA HIS A 150 -8.72 -6.34 -19.92
C HIS A 150 -9.77 -7.44 -19.78
N ARG A 151 -9.90 -8.27 -20.83
CA ARG A 151 -10.88 -9.34 -20.84
C ARG A 151 -10.49 -10.42 -19.82
N ILE A 152 -9.19 -10.63 -19.55
CA ILE A 152 -8.75 -11.62 -18.55
C ILE A 152 -9.09 -11.17 -17.12
N ALA A 153 -9.06 -9.86 -16.89
CA ALA A 153 -9.33 -9.31 -15.58
C ALA A 153 -10.85 -9.33 -15.35
N ALA A 154 -11.57 -8.89 -16.39
CA ALA A 154 -13.02 -8.94 -16.41
C ALA A 154 -13.52 -10.31 -15.95
N ARG A 155 -12.85 -11.39 -16.36
CA ARG A 155 -13.27 -12.73 -15.98
C ARG A 155 -13.12 -12.97 -14.48
N MET A 156 -12.07 -12.41 -13.85
CA MET A 156 -11.74 -12.75 -12.47
C MET A 156 -12.74 -12.10 -11.50
N ARG A 157 -13.76 -11.43 -12.04
CA ARG A 157 -15.03 -11.23 -11.34
C ARG A 157 -16.13 -12.01 -12.08
N ILE A 171 -11.81 -10.96 3.11
CA ILE A 171 -10.31 -10.91 3.23
C ILE A 171 -9.86 -11.54 4.56
N MET A 172 -9.17 -12.70 4.50
CA MET A 172 -8.62 -13.37 5.67
C MET A 172 -7.75 -12.40 6.47
N ASP A 173 -7.91 -12.43 7.80
CA ASP A 173 -7.10 -11.60 8.68
C ASP A 173 -5.72 -12.25 8.79
N VAL A 174 -4.77 -11.57 9.44
CA VAL A 174 -3.42 -12.07 9.61
C VAL A 174 -3.41 -13.31 10.50
N ASN A 175 -2.42 -14.15 10.27
CA ASN A 175 -2.06 -15.20 11.20
C ASN A 175 -1.21 -14.58 12.31
N PRO A 176 -1.62 -14.64 13.59
CA PRO A 176 -0.84 -14.02 14.68
C PRO A 176 0.65 -14.45 14.70
N GLN A 177 0.93 -15.72 14.40
CA GLN A 177 2.32 -16.21 14.46
C GLN A 177 3.15 -15.58 13.34
N ALA A 178 2.54 -15.48 12.14
CA ALA A 178 3.21 -14.89 10.99
C ALA A 178 3.61 -13.45 11.32
N VAL A 179 2.75 -12.77 12.10
CA VAL A 179 3.06 -11.42 12.56
C VAL A 179 4.30 -11.42 13.43
N VAL A 180 4.29 -12.29 14.43
CA VAL A 180 5.37 -12.37 15.39
C VAL A 180 6.66 -12.78 14.66
N ASP A 181 6.56 -13.78 13.76
CA ASP A 181 7.73 -14.21 12.99
C ASP A 181 8.31 -13.02 12.21
N ALA A 182 7.46 -12.19 11.56
CA ALA A 182 7.97 -11.10 10.75
C ALA A 182 8.70 -10.06 11.60
N MET A 183 8.11 -9.73 12.76
CA MET A 183 8.71 -8.73 13.61
C MET A 183 10.00 -9.26 14.24
N GLU A 184 10.05 -10.58 14.46
CA GLU A 184 11.27 -11.18 14.99
C GLU A 184 12.36 -11.31 13.91
N ARG A 185 12.01 -11.56 12.62
CA ARG A 185 13.04 -11.64 11.57
C ARG A 185 13.76 -10.29 11.47
N HIS A 186 13.00 -9.19 11.52
CA HIS A 186 13.55 -7.86 11.42
C HIS A 186 13.93 -7.26 12.79
N HIS A 187 13.75 -8.00 13.90
CA HIS A 187 14.05 -7.49 15.25
C HIS A 187 13.49 -6.09 15.41
N VAL A 188 12.18 -5.93 15.23
CA VAL A 188 11.54 -4.62 15.39
C VAL A 188 10.44 -4.74 16.44
N GLN A 189 10.07 -3.57 17.00
CA GLN A 189 8.94 -3.53 17.94
C GLN A 189 7.74 -2.81 17.30
N TRP A 190 7.87 -2.37 16.03
CA TRP A 190 6.82 -1.68 15.31
C TRP A 190 6.64 -2.27 13.91
N LEU A 191 5.37 -2.54 13.55
CA LEU A 191 4.97 -2.99 12.22
C LEU A 191 3.78 -2.13 11.77
N ILE A 192 3.84 -1.60 10.54
CA ILE A 192 2.71 -0.91 9.92
C ILE A 192 2.33 -1.68 8.64
N HIS A 193 1.02 -1.98 8.47
CA HIS A 193 0.52 -2.69 7.31
C HIS A 193 -0.93 -2.36 7.04
N GLY A 194 -1.40 -2.85 5.89
CA GLY A 194 -2.75 -2.69 5.43
C GLY A 194 -3.36 -4.06 5.13
N HIS A 195 -3.95 -4.16 3.94
CA HIS A 195 -4.50 -5.37 3.32
C HIS A 195 -5.82 -5.82 3.97
N THR A 196 -5.85 -5.92 5.32
CA THR A 196 -6.92 -6.63 6.00
C THR A 196 -8.15 -5.73 6.11
N HIS A 197 -7.96 -4.40 5.98
CA HIS A 197 -9.07 -3.46 6.09
C HIS A 197 -9.73 -3.47 7.49
N ARG A 198 -8.94 -3.77 8.52
CA ARG A 198 -9.40 -3.77 9.91
C ARG A 198 -8.51 -2.81 10.70
N PRO A 199 -8.77 -1.49 10.61
CA PRO A 199 -7.89 -0.49 11.19
C PRO A 199 -7.91 -0.67 12.71
N ALA A 200 -6.75 -0.61 13.33
CA ALA A 200 -6.58 -0.97 14.73
C ALA A 200 -5.12 -0.77 15.12
N VAL A 201 -4.90 -0.56 16.41
CA VAL A 201 -3.57 -0.72 16.99
C VAL A 201 -3.57 -1.95 17.89
N HIS A 202 -2.57 -2.83 17.69
CA HIS A 202 -2.48 -4.03 18.50
C HIS A 202 -1.19 -4.01 19.29
N GLU A 203 -1.24 -4.64 20.48
CA GLU A 203 -0.05 -4.89 21.27
C GLU A 203 0.19 -6.38 21.24
N LEU A 204 1.47 -6.75 21.08
CA LEU A 204 1.88 -8.14 21.20
C LEU A 204 3.25 -8.15 21.87
N GLN A 205 3.90 -9.32 21.87
CA GLN A 205 5.29 -9.48 22.29
C GLN A 205 6.14 -9.89 21.08
N ALA A 206 7.25 -9.18 20.86
CA ALA A 206 8.26 -9.65 19.94
C ALA A 206 9.63 -9.31 20.51
N ASN A 207 10.55 -10.28 20.36
CA ASN A 207 11.93 -10.06 20.73
C ASN A 207 12.02 -9.91 22.26
N GLY A 208 11.13 -10.63 22.95
CA GLY A 208 11.02 -10.65 24.41
C GLY A 208 10.52 -9.33 25.03
N GLN A 209 9.77 -8.56 24.26
CA GLN A 209 9.45 -7.17 24.60
C GLN A 209 8.09 -6.76 24.05
N PRO A 210 7.52 -5.66 24.58
CA PRO A 210 6.29 -5.09 24.01
C PRO A 210 6.43 -4.74 22.52
N ALA A 211 5.45 -5.13 21.71
CA ALA A 211 5.48 -4.70 20.31
C ALA A 211 4.09 -4.20 19.91
N TRP A 212 4.06 -3.33 18.87
CA TRP A 212 2.84 -2.78 18.29
C TRP A 212 2.78 -3.04 16.77
N ARG A 213 1.61 -3.51 16.35
CA ARG A 213 1.20 -3.61 14.96
C ARG A 213 0.04 -2.66 14.70
N VAL A 214 0.29 -1.68 13.85
CA VAL A 214 -0.68 -0.68 13.44
C VAL A 214 -1.21 -1.04 12.05
N VAL A 215 -2.53 -1.17 11.97
CA VAL A 215 -3.22 -1.59 10.76
C VAL A 215 -4.02 -0.42 10.21
N LEU A 216 -3.76 -0.09 8.93
CA LEU A 216 -4.46 0.96 8.20
C LEU A 216 -5.84 0.45 7.75
N GLY A 217 -6.74 1.36 7.44
CA GLY A 217 -8.04 1.02 6.90
C GLY A 217 -8.07 1.21 5.38
N ALA A 218 -9.11 0.64 4.74
CA ALA A 218 -9.42 1.00 3.36
C ALA A 218 -10.18 2.33 3.27
N TRP A 219 -10.08 2.96 2.10
CA TRP A 219 -10.74 4.22 1.85
C TRP A 219 -12.16 3.97 1.29
N HIS A 220 -13.20 4.36 2.04
CA HIS A 220 -14.58 4.15 1.62
C HIS A 220 -15.34 5.41 2.02
N SER A 221 -15.92 5.44 3.21
CA SER A 221 -16.50 6.68 3.71
C SER A 221 -15.40 7.54 4.31
N GLU A 222 -14.30 6.89 4.72
CA GLU A 222 -13.22 7.54 5.44
C GLU A 222 -11.89 7.24 4.75
N GLY A 223 -10.91 8.11 4.95
CA GLY A 223 -9.52 7.74 4.78
C GLY A 223 -8.86 7.49 6.12
N SER A 224 -7.69 6.86 6.08
CA SER A 224 -6.90 6.58 7.26
C SER A 224 -5.43 6.75 6.89
N MET A 225 -4.65 7.10 7.91
CA MET A 225 -3.20 7.25 7.81
C MET A 225 -2.57 6.97 9.17
N VAL A 226 -1.33 6.46 9.12
CA VAL A 226 -0.46 6.37 10.27
C VAL A 226 0.51 7.54 10.13
N LYS A 227 0.54 8.36 11.20
CA LYS A 227 1.44 9.49 11.29
C LYS A 227 2.48 9.16 12.34
N VAL A 228 3.75 9.10 11.90
CA VAL A 228 4.89 8.79 12.77
C VAL A 228 5.72 10.06 12.96
N THR A 229 5.84 10.56 14.20
CA THR A 229 6.74 11.67 14.53
C THR A 229 7.85 11.17 15.46
N PRO A 230 8.85 12.03 15.83
CA PRO A 230 9.91 11.59 16.72
C PRO A 230 9.35 10.98 18.00
N ASP A 231 8.26 11.52 18.55
CA ASP A 231 7.80 11.03 19.84
C ASP A 231 6.59 10.08 19.75
N ASP A 232 5.80 10.16 18.68
CA ASP A 232 4.47 9.54 18.67
C ASP A 232 4.26 8.71 17.40
N VAL A 233 3.36 7.72 17.52
CA VAL A 233 2.76 7.01 16.41
C VAL A 233 1.25 7.08 16.59
N GLU A 234 0.54 7.64 15.60
CA GLU A 234 -0.92 7.71 15.62
C GLU A 234 -1.54 7.12 14.36
N LEU A 235 -2.58 6.31 14.57
CA LEU A 235 -3.50 5.93 13.51
C LEU A 235 -4.68 6.91 13.53
N ILE A 236 -4.93 7.54 12.37
CA ILE A 236 -5.91 8.59 12.20
C ILE A 236 -6.91 8.24 11.10
N HIS A 237 -8.20 8.32 11.44
CA HIS A 237 -9.25 8.23 10.47
C HIS A 237 -9.84 9.61 10.26
N PHE A 238 -10.22 9.91 9.01
CA PHE A 238 -10.81 11.20 8.69
C PHE A 238 -11.93 10.96 7.69
N PRO A 239 -13.13 11.55 7.89
CA PRO A 239 -14.19 11.40 6.91
C PRO A 239 -13.90 12.28 5.70
N PHE A 240 -14.58 12.05 4.58
CA PHE A 240 -14.53 12.99 3.46
C PHE A 240 -15.70 13.96 3.60
N HIS A 241 -15.47 15.08 4.27
CA HIS A 241 -16.56 15.94 4.68
C HIS A 241 -16.53 17.24 3.87
N HIS A 242 -15.33 17.79 3.56
CA HIS A 242 -15.23 19.02 2.78
C HIS A 242 -15.78 18.80 1.35
#